data_6TBR
#
_entry.id   6TBR
#
_cell.length_a   46.060
_cell.length_b   49.760
_cell.length_c   57.100
_cell.angle_alpha   109.370
_cell.angle_beta   90.070
_cell.angle_gamma   95.460
#
_symmetry.space_group_name_H-M   'P 1'
#
loop_
_entity.id
_entity.type
_entity.pdbx_description
1 polymer AoAA13
2 non-polymer 'ZINC ION'
3 water water
#
_entity_poly.entity_id   1
_entity_poly.type   'polypeptide(L)'
_entity_poly.pdbx_seq_one_letter_code
;(HIC)GYMYIPSSRTRLGHEAGIDSCPECAILEPVSSWPDLDAAPVGRSGPCGYNARDSIDYNQPTTNWGSDAVQSYSPG
EEIEVQWCVDHNGDHGGMFTYRICQDQSIVDKFLDPSYLPTNDEKQAAEDCFDAGLLPCTDVSGQECGYSADCTEGEACW
RNDWFTCNGFEASDRPKCQGVDNAELNSCYTSIAGGYTVTKKVKLPEYTSNHTLISFKWNSFQTGQIYLSCADIAIQ
;
_entity_poly.pdbx_strand_id   A,B
#
loop_
_chem_comp.id
_chem_comp.type
_chem_comp.name
_chem_comp.formula
ZN non-polymer 'ZINC ION' 'Zn 2'
#
# COMPACT_ATOMS: atom_id res chain seq x y z
N HIC A 1 4.03 -6.22 -26.00
CA HIC A 1 3.27 -5.27 -26.85
C HIC A 1 1.83 -5.54 -26.57
O HIC A 1 1.34 -6.62 -26.76
CB HIC A 1 3.67 -5.45 -28.32
CG HIC A 1 4.97 -4.73 -28.67
ND1 HIC A 1 6.10 -4.77 -27.91
CD2 HIC A 1 5.27 -3.92 -29.79
CE1 HIC A 1 7.04 -4.03 -28.50
NE2 HIC A 1 6.54 -3.49 -29.63
CZ HIC A 1 7.40 -2.64 -30.47
N GLY A 2 1.10 -4.52 -26.17
CA GLY A 2 -0.30 -4.63 -25.92
C GLY A 2 -0.89 -3.25 -25.61
N TYR A 3 -2.22 -3.22 -25.56
CA TYR A 3 -3.00 -1.99 -25.31
C TYR A 3 -4.46 -2.36 -24.88
N MET A 4 -5.10 -1.43 -24.19
CA MET A 4 -6.49 -1.58 -23.69
C MET A 4 -7.44 -1.59 -24.88
N TYR A 5 -8.38 -2.55 -24.82
CA TYR A 5 -9.33 -2.85 -25.90
C TYR A 5 -10.81 -2.54 -25.58
N ILE A 6 -11.22 -2.87 -24.37
CA ILE A 6 -12.57 -2.63 -23.92
C ILE A 6 -12.57 -2.11 -22.48
N PRO A 7 -13.26 -1.00 -22.24
CA PRO A 7 -13.86 -0.19 -23.28
C PRO A 7 -12.84 0.35 -24.23
N SER A 8 -13.27 0.79 -25.41
CA SER A 8 -12.32 1.26 -26.41
C SER A 8 -11.44 2.38 -25.87
N SER A 9 -10.13 2.13 -25.81
CA SER A 9 -9.18 3.18 -25.41
C SER A 9 -8.89 4.20 -26.52
N ARG A 10 -8.21 5.29 -26.12
CA ARG A 10 -7.72 6.25 -27.09
C ARG A 10 -6.87 5.55 -28.13
N THR A 11 -6.11 4.53 -27.69
CA THR A 11 -5.18 3.81 -28.57
C THR A 11 -5.95 3.02 -29.62
N ARG A 12 -7.05 2.44 -29.24
CA ARG A 12 -7.90 1.63 -30.15
C ARG A 12 -8.61 2.55 -31.14
N LEU A 13 -9.05 3.72 -30.64
CA LEU A 13 -9.71 4.74 -31.45
C LEU A 13 -8.74 5.31 -32.52
N GLY A 14 -7.49 5.47 -32.16
CA GLY A 14 -6.54 6.01 -33.10
C GLY A 14 -6.35 5.01 -34.21
N HIS A 15 -6.35 3.74 -33.87
CA HIS A 15 -6.17 2.67 -34.84
C HIS A 15 -7.43 2.62 -35.73
N GLU A 16 -8.59 2.76 -35.14
CA GLU A 16 -9.83 2.78 -35.95
C GLU A 16 -9.92 4.01 -36.96
N ALA A 17 -9.29 5.11 -36.62
CA ALA A 17 -9.23 6.25 -37.51
C ALA A 17 -8.22 6.04 -38.62
N GLY A 18 -7.33 5.05 -38.47
CA GLY A 18 -6.33 4.72 -39.46
C GLY A 18 -5.17 5.67 -39.52
N ILE A 19 -4.81 6.28 -38.39
CA ILE A 19 -3.80 7.29 -38.37
C ILE A 19 -2.59 6.74 -37.67
N ASP A 20 -2.62 5.44 -37.40
CA ASP A 20 -1.44 4.84 -36.81
C ASP A 20 -0.91 3.67 -37.66
N SER A 21 0.07 2.97 -37.10
CA SER A 21 0.62 1.74 -37.69
C SER A 21 0.67 0.57 -36.69
N CYS A 22 0.62 0.87 -35.41
CA CYS A 22 0.96 -0.09 -34.40
C CYS A 22 0.41 0.32 -33.02
N PRO A 23 -0.87 -0.01 -32.78
CA PRO A 23 -1.51 0.40 -31.51
C PRO A 23 -0.83 -0.21 -30.26
N GLU A 24 -0.37 -1.47 -30.41
CA GLU A 24 0.36 -2.17 -29.39
C GLU A 24 1.79 -1.65 -29.13
N CYS A 25 2.26 -0.65 -29.90
CA CYS A 25 3.64 -0.18 -29.81
C CYS A 25 3.79 1.01 -28.90
N ALA A 26 2.78 1.35 -28.10
CA ALA A 26 2.93 2.45 -27.19
C ALA A 26 3.54 2.01 -25.84
N ILE A 27 4.81 2.39 -25.60
CA ILE A 27 5.62 1.79 -24.54
C ILE A 27 6.37 2.81 -23.72
N LEU A 28 6.37 2.56 -22.39
CA LEU A 28 7.14 3.31 -21.40
C LEU A 28 8.38 2.47 -21.16
N GLU A 29 9.53 2.94 -21.61
CA GLU A 29 10.76 2.05 -21.64
C GLU A 29 12.00 2.83 -22.04
N PRO A 30 13.18 2.29 -21.70
CA PRO A 30 13.41 1.20 -20.76
C PRO A 30 13.24 1.70 -19.33
N VAL A 31 12.54 0.91 -18.54
CA VAL A 31 12.27 1.24 -17.14
C VAL A 31 12.35 -0.02 -16.29
N SER A 32 12.36 0.16 -14.99
CA SER A 32 12.21 -0.94 -14.04
C SER A 32 10.72 -1.19 -13.82
N SER A 33 10.21 -2.26 -14.47
CA SER A 33 8.77 -2.65 -14.43
C SER A 33 8.48 -3.68 -13.37
N TRP A 34 9.52 -4.29 -12.82
CA TRP A 34 9.42 -5.42 -11.92
C TRP A 34 10.61 -5.46 -10.95
N PRO A 35 10.36 -5.90 -9.69
CA PRO A 35 9.05 -6.28 -9.11
C PRO A 35 8.28 -5.14 -8.49
N ASP A 36 8.89 -3.95 -8.48
CA ASP A 36 8.22 -2.82 -7.83
C ASP A 36 7.32 -2.14 -8.89
N LEU A 37 6.02 -2.34 -8.78
CA LEU A 37 5.13 -2.06 -9.92
C LEU A 37 4.84 -0.59 -10.17
N ASP A 38 5.06 0.24 -9.17
CA ASP A 38 4.71 1.63 -9.31
C ASP A 38 5.91 2.58 -9.26
N ALA A 39 7.12 2.06 -9.20
CA ALA A 39 8.31 2.88 -8.98
C ALA A 39 8.68 3.78 -10.16
N ALA A 40 8.59 3.23 -11.34
CA ALA A 40 9.07 3.89 -12.58
C ALA A 40 8.21 5.13 -12.90
N PRO A 41 8.83 6.33 -13.02
CA PRO A 41 8.05 7.47 -13.47
C PRO A 41 7.59 7.31 -14.89
N VAL A 42 6.41 7.90 -15.17
CA VAL A 42 5.75 7.67 -16.49
C VAL A 42 6.27 8.57 -17.60
N GLY A 43 7.05 9.60 -17.24
CA GLY A 43 7.57 10.51 -18.23
C GLY A 43 6.56 10.96 -19.26
N ARG A 44 6.95 10.98 -20.56
CA ARG A 44 6.04 11.42 -21.64
C ARG A 44 4.84 10.48 -21.83
N SER A 45 5.04 9.22 -21.48
CA SER A 45 3.98 8.24 -21.66
C SER A 45 2.70 8.61 -20.95
N GLY A 46 2.78 9.15 -19.74
CA GLY A 46 1.59 9.56 -18.97
C GLY A 46 0.66 8.39 -18.73
N PRO A 47 -0.56 8.68 -18.24
CA PRO A 47 -1.57 7.67 -17.99
C PRO A 47 -2.25 7.13 -19.25
N CYS A 48 -2.13 7.84 -20.38
CA CYS A 48 -2.80 7.42 -21.64
C CYS A 48 -1.85 6.83 -22.67
N GLY A 49 -0.53 6.93 -22.44
CA GLY A 49 0.42 6.42 -23.39
C GLY A 49 0.89 7.41 -24.43
N TYR A 50 2.14 7.24 -24.80
CA TYR A 50 2.70 7.89 -25.97
C TYR A 50 3.17 6.77 -26.94
N ASN A 51 2.84 6.90 -28.20
CA ASN A 51 3.21 5.91 -29.19
C ASN A 51 4.38 6.48 -29.98
N ALA A 52 5.59 6.08 -29.58
CA ALA A 52 6.84 6.65 -30.14
C ALA A 52 7.13 6.08 -31.55
N ARG A 53 6.51 4.96 -31.90
N ARG A 53 6.51 4.95 -31.83
CA ARG A 53 6.73 4.53 -33.28
CA ARG A 53 6.58 4.37 -33.16
C ARG A 53 6.00 5.46 -34.22
C ARG A 53 5.96 5.32 -34.19
N ASP A 54 4.77 5.82 -33.85
CA ASP A 54 3.90 6.61 -34.73
C ASP A 54 3.83 8.08 -34.37
N SER A 55 4.58 8.48 -33.31
CA SER A 55 4.62 9.82 -32.78
CA SER A 55 4.65 9.84 -32.79
C SER A 55 3.25 10.44 -32.43
N ILE A 56 2.49 9.73 -31.58
CA ILE A 56 1.18 10.15 -31.14
C ILE A 56 1.12 10.16 -29.62
N ASP A 57 0.76 11.29 -29.03
CA ASP A 57 0.58 11.39 -27.61
C ASP A 57 -0.91 11.29 -27.29
N TYR A 58 -1.31 10.07 -26.86
CA TYR A 58 -2.69 9.83 -26.47
C TYR A 58 -3.21 10.67 -25.31
N ASN A 59 -2.33 11.36 -24.59
CA ASN A 59 -2.81 12.19 -23.43
C ASN A 59 -3.55 13.41 -23.89
N GLN A 60 -3.32 13.85 -25.12
CA GLN A 60 -4.03 14.97 -25.69
C GLN A 60 -5.13 14.52 -26.63
N PRO A 61 -6.34 14.93 -26.40
CA PRO A 61 -7.43 14.47 -27.30
C PRO A 61 -7.26 14.95 -28.73
N THR A 62 -7.98 14.27 -29.61
CA THR A 62 -8.25 14.77 -30.96
C THR A 62 -9.72 14.65 -31.25
N THR A 63 -10.18 14.90 -32.49
CA THR A 63 -11.58 14.59 -32.79
C THR A 63 -11.78 13.09 -32.76
N ASN A 64 -10.71 12.32 -32.99
CA ASN A 64 -10.80 10.85 -32.95
C ASN A 64 -10.87 10.21 -31.56
N TRP A 65 -10.41 10.92 -30.51
CA TRP A 65 -10.37 10.31 -29.13
C TRP A 65 -10.30 11.41 -28.10
N GLY A 66 -10.72 11.10 -26.86
CA GLY A 66 -10.54 12.00 -25.74
C GLY A 66 -11.46 13.18 -25.64
N SER A 67 -12.33 13.44 -26.63
CA SER A 67 -13.13 14.66 -26.54
C SER A 67 -14.57 14.34 -26.07
N ASP A 68 -14.89 13.07 -25.96
CA ASP A 68 -16.22 12.58 -25.47
C ASP A 68 -16.02 11.27 -24.73
N ALA A 69 -16.95 10.87 -23.87
CA ALA A 69 -16.87 9.52 -23.31
C ALA A 69 -17.25 8.52 -24.40
N VAL A 70 -16.56 7.40 -24.45
CA VAL A 70 -16.91 6.29 -25.38
C VAL A 70 -18.04 5.39 -24.85
N GLN A 71 -18.25 5.40 -23.52
CA GLN A 71 -19.30 4.60 -22.89
C GLN A 71 -19.65 5.27 -21.56
N SER A 72 -20.91 5.19 -21.21
CA SER A 72 -21.43 5.70 -19.93
C SER A 72 -21.88 4.52 -19.06
N TYR A 73 -21.51 4.59 -17.78
CA TYR A 73 -21.70 3.54 -16.79
C TYR A 73 -22.28 4.14 -15.55
N SER A 74 -22.67 3.30 -14.58
CA SER A 74 -23.19 3.80 -13.28
C SER A 74 -22.16 3.68 -12.16
N PRO A 75 -22.21 4.56 -11.15
CA PRO A 75 -21.31 4.32 -9.98
C PRO A 75 -21.42 2.93 -9.43
N GLY A 76 -20.29 2.31 -9.14
CA GLY A 76 -20.34 1.01 -8.54
C GLY A 76 -20.65 -0.13 -9.48
N GLU A 77 -20.85 0.12 -10.79
CA GLU A 77 -21.21 -0.94 -11.71
C GLU A 77 -19.95 -1.77 -11.92
N GLU A 78 -20.13 -3.08 -11.91
N GLU A 78 -20.15 -3.08 -11.98
CA GLU A 78 -19.11 -4.02 -12.36
CA GLU A 78 -19.10 -4.05 -12.31
C GLU A 78 -19.15 -4.04 -13.88
C GLU A 78 -19.07 -4.27 -13.83
N ILE A 79 -17.97 -3.87 -14.46
CA ILE A 79 -17.82 -3.79 -15.90
C ILE A 79 -16.73 -4.77 -16.39
N GLU A 80 -16.86 -5.21 -17.63
CA GLU A 80 -15.79 -5.94 -18.26
C GLU A 80 -14.72 -5.00 -18.75
N VAL A 81 -13.46 -5.35 -18.47
CA VAL A 81 -12.35 -4.64 -19.04
C VAL A 81 -11.46 -5.61 -19.81
N GLN A 82 -10.93 -5.22 -20.95
CA GLN A 82 -10.19 -6.19 -21.76
C GLN A 82 -9.02 -5.45 -22.41
N TRP A 83 -7.88 -6.13 -22.43
CA TRP A 83 -6.70 -5.65 -23.18
C TRP A 83 -6.25 -6.68 -24.15
N CYS A 84 -5.48 -6.25 -25.12
CA CYS A 84 -5.06 -7.07 -26.19
C CYS A 84 -3.54 -7.29 -26.10
N VAL A 85 -3.09 -8.55 -26.10
CA VAL A 85 -1.64 -8.80 -26.11
C VAL A 85 -1.20 -9.32 -27.47
N ASP A 86 -0.10 -8.78 -27.99
CA ASP A 86 0.44 -9.26 -29.28
C ASP A 86 1.02 -10.66 -29.14
N HIS A 87 0.76 -11.49 -30.16
CA HIS A 87 1.26 -12.86 -30.21
C HIS A 87 2.77 -12.92 -29.99
N ASN A 88 3.52 -12.01 -30.62
CA ASN A 88 4.97 -12.02 -30.50
C ASN A 88 5.47 -11.20 -29.29
N GLY A 89 4.55 -10.67 -28.48
CA GLY A 89 4.89 -9.69 -27.46
C GLY A 89 4.28 -10.04 -26.08
N ASP A 90 4.18 -11.33 -25.77
CA ASP A 90 3.52 -11.76 -24.52
C ASP A 90 4.57 -11.81 -23.42
N HIS A 91 4.74 -10.70 -22.70
CA HIS A 91 5.83 -10.58 -21.71
C HIS A 91 5.50 -11.06 -20.30
N GLY A 92 4.27 -11.48 -20.10
CA GLY A 92 3.85 -11.91 -18.79
C GLY A 92 3.75 -10.64 -17.93
N GLY A 93 3.60 -10.85 -16.62
CA GLY A 93 3.59 -9.71 -15.72
C GLY A 93 2.25 -9.47 -15.09
N MET A 94 2.00 -8.21 -14.69
CA MET A 94 0.79 -7.87 -13.99
C MET A 94 0.22 -6.55 -14.58
N PHE A 95 -1.07 -6.38 -14.42
CA PHE A 95 -1.73 -5.27 -15.02
C PHE A 95 -2.86 -4.80 -14.12
N THR A 96 -3.27 -3.56 -14.35
CA THR A 96 -4.26 -2.91 -13.53
C THR A 96 -5.03 -1.81 -14.28
N TYR A 97 -6.20 -1.46 -13.75
CA TYR A 97 -7.00 -0.37 -14.30
C TYR A 97 -7.21 0.57 -13.17
N ARG A 98 -7.21 1.87 -13.47
CA ARG A 98 -7.28 2.98 -12.46
C ARG A 98 -8.25 4.11 -12.91
N ILE A 99 -8.88 4.74 -11.94
CA ILE A 99 -9.64 5.94 -12.15
C ILE A 99 -9.22 6.98 -11.18
N CYS A 100 -8.79 8.10 -11.72
CA CYS A 100 -8.41 9.25 -10.92
C CYS A 100 -9.70 10.00 -10.47
N GLN A 101 -9.95 10.02 -9.14
CA GLN A 101 -11.07 10.67 -8.51
C GLN A 101 -10.73 12.13 -8.15
N ASP A 102 -10.00 12.78 -9.06
CA ASP A 102 -9.73 14.26 -8.99
C ASP A 102 -10.05 14.87 -10.36
N GLN A 103 -11.27 15.34 -10.54
CA GLN A 103 -11.70 15.82 -11.87
C GLN A 103 -10.79 16.90 -12.40
N SER A 104 -10.23 17.73 -11.51
CA SER A 104 -9.42 18.83 -11.95
C SER A 104 -8.07 18.37 -12.50
N ILE A 105 -7.61 17.21 -12.03
CA ILE A 105 -6.43 16.63 -12.60
C ILE A 105 -6.74 16.05 -13.97
N VAL A 106 -7.83 15.29 -14.02
CA VAL A 106 -8.28 14.64 -15.25
C VAL A 106 -8.61 15.58 -16.39
N ASP A 107 -9.14 16.76 -16.04
CA ASP A 107 -9.54 17.75 -17.00
C ASP A 107 -8.36 18.20 -17.88
N LYS A 108 -7.14 18.07 -17.38
CA LYS A 108 -5.97 18.40 -18.18
C LYS A 108 -5.74 17.53 -19.37
N PHE A 109 -6.44 16.39 -19.40
CA PHE A 109 -6.30 15.37 -20.40
C PHE A 109 -7.51 15.30 -21.38
N LEU A 110 -8.40 16.28 -21.24
CA LEU A 110 -9.73 16.26 -21.90
C LEU A 110 -9.92 17.42 -22.84
N ASP A 111 -8.85 18.16 -23.11
CA ASP A 111 -8.95 19.39 -23.93
C ASP A 111 -8.12 19.22 -25.17
N PRO A 112 -8.76 19.11 -26.34
CA PRO A 112 -7.93 18.89 -27.53
C PRO A 112 -6.99 20.01 -27.90
N SER A 113 -7.22 21.22 -27.36
N SER A 113 -7.14 21.21 -27.31
CA SER A 113 -6.26 22.31 -27.47
CA SER A 113 -6.21 22.31 -27.56
C SER A 113 -5.04 22.37 -26.51
C SER A 113 -5.05 22.35 -26.53
N TYR A 114 -4.97 21.37 -25.64
CA TYR A 114 -4.03 21.40 -24.54
C TYR A 114 -3.27 20.11 -24.44
N LEU A 115 -1.95 20.25 -24.39
CA LEU A 115 -1.04 19.14 -24.12
C LEU A 115 -0.60 19.11 -22.63
N PRO A 116 -0.96 18.02 -21.91
CA PRO A 116 -0.57 18.03 -20.50
C PRO A 116 0.97 17.98 -20.42
N THR A 117 1.54 18.72 -19.46
CA THR A 117 3.00 18.73 -19.24
C THR A 117 3.51 17.41 -18.64
N ASN A 118 4.82 17.21 -18.62
CA ASN A 118 5.34 16.08 -17.89
C ASN A 118 4.94 16.10 -16.41
N ASP A 119 4.97 17.27 -15.73
CA ASP A 119 4.52 17.35 -14.37
C ASP A 119 3.07 16.90 -14.18
N GLU A 120 2.18 17.36 -15.04
CA GLU A 120 0.78 17.00 -14.96
C GLU A 120 0.63 15.47 -15.24
N LYS A 121 1.51 14.92 -16.09
CA LYS A 121 1.37 13.49 -16.48
C LYS A 121 1.70 12.63 -15.26
N GLN A 122 2.78 12.99 -14.56
CA GLN A 122 3.08 12.31 -13.30
C GLN A 122 2.08 12.55 -12.13
N ALA A 123 1.54 13.76 -11.96
CA ALA A 123 0.58 13.99 -10.92
C ALA A 123 -0.66 13.18 -11.22
N ALA A 124 -1.04 13.14 -12.50
CA ALA A 124 -2.16 12.25 -12.88
C ALA A 124 -1.88 10.81 -12.58
N GLU A 125 -0.70 10.32 -12.94
CA GLU A 125 -0.32 8.97 -12.54
C GLU A 125 -0.51 8.74 -11.04
N ASP A 126 -0.07 9.68 -10.21
CA ASP A 126 -0.14 9.41 -8.77
C ASP A 126 -1.61 9.36 -8.33
N CYS A 127 -2.46 10.19 -8.98
CA CYS A 127 -3.89 10.25 -8.71
C CYS A 127 -4.50 8.90 -9.16
N PHE A 128 -4.18 8.48 -10.38
CA PHE A 128 -4.59 7.09 -10.78
C PHE A 128 -4.18 5.97 -9.79
N ASP A 129 -2.95 6.00 -9.25
CA ASP A 129 -2.58 4.93 -8.34
C ASP A 129 -3.35 4.98 -7.07
N ALA A 130 -3.72 6.16 -6.58
CA ALA A 130 -4.67 6.26 -5.43
C ALA A 130 -6.06 5.73 -5.78
N GLY A 131 -6.37 5.72 -7.06
CA GLY A 131 -7.68 5.28 -7.64
C GLY A 131 -7.65 3.95 -8.34
N LEU A 132 -6.74 3.07 -7.96
CA LEU A 132 -6.69 1.73 -8.54
C LEU A 132 -7.97 0.95 -8.25
N LEU A 133 -8.46 0.28 -9.29
CA LEU A 133 -9.63 -0.56 -9.21
C LEU A 133 -9.24 -2.00 -8.86
N PRO A 134 -9.44 -2.43 -7.56
CA PRO A 134 -8.79 -3.66 -7.21
C PRO A 134 -9.50 -4.89 -7.79
N CYS A 135 -8.78 -5.91 -8.14
CA CYS A 135 -9.41 -7.13 -8.58
C CYS A 135 -10.42 -7.61 -7.54
N THR A 136 -10.02 -7.47 -6.27
CA THR A 136 -10.75 -7.98 -5.11
C THR A 136 -12.05 -7.34 -4.83
N ASP A 137 -12.29 -6.19 -5.43
CA ASP A 137 -13.60 -5.54 -5.30
C ASP A 137 -14.71 -6.14 -6.13
N VAL A 138 -14.46 -7.20 -6.92
CA VAL A 138 -15.50 -7.83 -7.68
C VAL A 138 -15.70 -9.17 -6.98
N SER A 139 -16.84 -9.30 -6.31
CA SER A 139 -17.23 -10.55 -5.67
C SER A 139 -17.29 -11.69 -6.69
N GLY A 140 -16.64 -12.79 -6.33
CA GLY A 140 -16.59 -13.95 -7.20
C GLY A 140 -15.44 -13.98 -8.16
N GLN A 141 -14.74 -12.86 -8.31
CA GLN A 141 -13.56 -12.83 -9.17
C GLN A 141 -12.35 -13.43 -8.44
N GLU A 142 -11.64 -14.36 -9.09
CA GLU A 142 -10.47 -14.94 -8.46
C GLU A 142 -9.35 -13.95 -8.64
N CYS A 143 -8.66 -13.60 -7.55
CA CYS A 143 -7.60 -12.62 -7.62
C CYS A 143 -6.39 -13.28 -7.04
N GLY A 144 -5.65 -13.93 -7.90
CA GLY A 144 -4.45 -14.63 -7.47
C GLY A 144 -3.18 -13.78 -7.41
N TYR A 145 -2.15 -14.37 -6.84
CA TYR A 145 -0.83 -13.78 -6.81
C TYR A 145 -0.01 -14.35 -7.95
N SER A 146 0.98 -13.59 -8.38
CA SER A 146 1.76 -13.96 -9.54
C SER A 146 2.64 -15.17 -9.29
N ALA A 147 2.63 -16.13 -10.22
CA ALA A 147 3.55 -17.26 -10.12
C ALA A 147 5.01 -16.82 -10.29
N ASP A 148 5.23 -15.61 -10.84
CA ASP A 148 6.59 -15.02 -10.99
C ASP A 148 6.97 -14.12 -9.84
N CYS A 149 6.18 -14.14 -8.77
CA CYS A 149 6.50 -13.36 -7.59
C CYS A 149 6.51 -14.27 -6.34
N THR A 150 7.11 -13.83 -5.24
CA THR A 150 7.02 -14.52 -3.92
C THR A 150 6.70 -13.52 -2.84
N GLU A 151 6.07 -14.01 -1.75
CA GLU A 151 5.58 -13.16 -0.67
C GLU A 151 6.77 -12.51 -0.09
N GLY A 152 6.69 -11.18 0.16
CA GLY A 152 7.85 -10.47 0.61
C GLY A 152 8.33 -9.50 -0.46
N GLU A 153 7.99 -9.76 -1.72
CA GLU A 153 8.33 -8.83 -2.81
C GLU A 153 7.21 -7.86 -3.11
N ALA A 154 7.59 -6.71 -3.74
CA ALA A 154 6.66 -5.60 -4.02
C ALA A 154 5.63 -5.98 -5.08
N CYS A 155 5.82 -7.13 -5.75
CA CYS A 155 4.84 -7.64 -6.68
C CYS A 155 3.75 -8.48 -6.05
N TRP A 156 3.84 -8.74 -4.76
CA TRP A 156 2.89 -9.54 -4.02
C TRP A 156 1.64 -8.85 -3.63
N ARG A 157 0.77 -8.67 -4.60
CA ARG A 157 -0.39 -7.86 -4.39
C ARG A 157 -1.48 -8.30 -5.31
N ASN A 158 -2.69 -8.54 -4.80
CA ASN A 158 -3.79 -8.92 -5.66
C ASN A 158 -4.86 -7.86 -5.88
N ASP A 159 -4.51 -6.59 -5.65
CA ASP A 159 -5.29 -5.48 -6.16
C ASP A 159 -5.05 -5.46 -7.68
N TRP A 160 -3.79 -5.52 -8.12
CA TRP A 160 -3.41 -5.69 -9.53
C TRP A 160 -3.93 -7.11 -9.90
N PHE A 161 -4.18 -7.31 -11.20
CA PHE A 161 -4.38 -8.65 -11.87
C PHE A 161 -3.02 -9.19 -12.22
N THR A 162 -2.97 -10.50 -12.41
CA THR A 162 -1.72 -11.07 -12.85
C THR A 162 -1.93 -11.94 -14.06
N CYS A 163 -0.93 -11.89 -14.92
CA CYS A 163 -0.85 -12.76 -16.03
C CYS A 163 -0.41 -14.12 -15.48
N ASN A 164 -0.58 -15.18 -16.29
CA ASN A 164 -0.08 -16.50 -15.80
C ASN A 164 1.42 -16.51 -15.81
N GLY A 165 1.99 -17.49 -15.13
CA GLY A 165 3.46 -17.61 -15.01
C GLY A 165 4.17 -17.50 -16.36
N PHE A 166 5.30 -16.83 -16.40
CA PHE A 166 5.94 -16.58 -17.69
C PHE A 166 6.47 -17.92 -18.22
N GLU A 167 6.89 -18.77 -17.30
CA GLU A 167 7.44 -20.09 -17.66
C GLU A 167 6.47 -21.17 -17.22
N ALA A 168 5.22 -20.80 -16.97
CA ALA A 168 4.21 -21.75 -16.57
C ALA A 168 4.23 -22.91 -17.55
N SER A 169 4.05 -24.09 -17.00
CA SER A 169 3.90 -25.27 -17.83
C SER A 169 2.62 -25.22 -18.66
N ASP A 170 1.51 -24.86 -18.01
CA ASP A 170 0.20 -24.80 -18.68
C ASP A 170 -0.32 -23.36 -18.81
N ARG A 171 -0.78 -22.99 -20.01
CA ARG A 171 -1.34 -21.64 -20.26
C ARG A 171 -0.47 -20.53 -19.67
N PRO A 172 0.78 -20.45 -20.15
CA PRO A 172 1.66 -19.47 -19.61
C PRO A 172 1.29 -18.08 -20.07
N LYS A 173 1.84 -17.14 -19.32
CA LYS A 173 1.92 -15.76 -19.72
C LYS A 173 0.53 -15.12 -19.76
N CYS A 174 0.43 -13.93 -20.36
CA CYS A 174 -0.82 -13.23 -20.42
C CYS A 174 -1.85 -13.92 -21.27
N GLN A 175 -1.44 -14.44 -22.40
CA GLN A 175 -2.40 -15.15 -23.29
C GLN A 175 -3.06 -16.30 -22.58
N GLY A 176 -2.36 -16.88 -21.63
CA GLY A 176 -2.92 -18.00 -20.86
C GLY A 176 -4.16 -17.65 -20.06
N VAL A 177 -4.38 -16.35 -19.79
CA VAL A 177 -5.43 -15.99 -18.84
C VAL A 177 -6.80 -16.26 -19.41
N ASP A 178 -7.09 -15.83 -20.65
CA ASP A 178 -8.37 -16.11 -21.36
C ASP A 178 -8.27 -17.44 -22.18
N ASN A 179 -7.04 -17.74 -22.56
CA ASN A 179 -6.69 -18.77 -23.48
C ASN A 179 -7.53 -18.67 -24.70
N ALA A 180 -7.70 -17.43 -25.20
CA ALA A 180 -8.52 -17.21 -26.39
C ALA A 180 -7.78 -17.54 -27.71
N GLU A 181 -8.51 -17.50 -28.81
CA GLU A 181 -7.89 -17.63 -30.14
C GLU A 181 -7.16 -16.37 -30.63
N LEU A 182 -6.18 -16.59 -31.50
CA LEU A 182 -5.49 -15.55 -32.21
C LEU A 182 -6.44 -14.68 -33.06
N ASN A 183 -6.20 -13.36 -33.05
CA ASN A 183 -7.13 -12.34 -33.62
C ASN A 183 -8.48 -12.23 -32.96
N SER A 184 -8.57 -12.57 -31.68
CA SER A 184 -9.71 -12.27 -30.88
C SER A 184 -9.67 -10.78 -30.53
N CYS A 185 -8.50 -10.16 -30.71
CA CYS A 185 -8.41 -8.70 -30.77
C CYS A 185 -7.30 -8.30 -31.73
N TYR A 186 -7.31 -7.05 -32.20
CA TYR A 186 -6.35 -6.64 -33.22
C TYR A 186 -4.96 -6.21 -32.64
N THR A 187 -3.89 -6.81 -33.15
CA THR A 187 -2.59 -6.17 -33.08
C THR A 187 -1.99 -6.23 -34.48
N SER A 188 -1.09 -5.30 -34.74
CA SER A 188 -0.52 -5.08 -36.08
C SER A 188 0.64 -6.01 -36.38
N ILE A 189 1.40 -6.40 -35.35
CA ILE A 189 2.63 -7.16 -35.55
C ILE A 189 2.40 -8.61 -35.91
N ALA A 190 1.66 -9.34 -35.08
CA ALA A 190 1.46 -10.79 -35.27
C ALA A 190 0.05 -11.31 -34.89
N GLY A 191 -0.89 -10.39 -34.66
CA GLY A 191 -2.26 -10.64 -34.28
C GLY A 191 -2.39 -10.68 -32.77
N GLY A 192 -3.58 -10.45 -32.23
CA GLY A 192 -3.78 -10.30 -30.79
C GLY A 192 -4.65 -11.29 -30.07
N TYR A 193 -4.43 -11.34 -28.77
CA TYR A 193 -5.18 -12.21 -27.90
C TYR A 193 -5.74 -11.36 -26.79
N THR A 194 -6.95 -11.66 -26.46
CA THR A 194 -7.67 -10.95 -25.43
C THR A 194 -7.21 -11.33 -24.09
N VAL A 195 -7.30 -10.36 -23.17
CA VAL A 195 -7.03 -10.63 -21.77
C VAL A 195 -8.17 -9.95 -21.02
N THR A 196 -8.98 -10.71 -20.30
CA THR A 196 -10.27 -10.18 -19.87
C THR A 196 -10.48 -10.27 -18.36
N LYS A 197 -10.90 -9.17 -17.73
CA LYS A 197 -11.28 -9.15 -16.32
C LYS A 197 -12.46 -8.24 -16.06
N LYS A 198 -12.89 -8.21 -14.81
CA LYS A 198 -13.93 -7.31 -14.35
C LYS A 198 -13.31 -6.37 -13.32
N VAL A 199 -13.86 -5.19 -13.27
CA VAL A 199 -13.62 -4.25 -12.21
C VAL A 199 -14.90 -3.65 -11.76
N LYS A 200 -14.87 -3.09 -10.56
N LYS A 200 -14.91 -3.11 -10.54
CA LYS A 200 -16.00 -2.36 -10.02
CA LYS A 200 -16.07 -2.40 -10.07
C LYS A 200 -15.70 -0.87 -10.10
C LYS A 200 -15.75 -0.90 -10.08
N LEU A 201 -16.49 -0.14 -10.89
CA LEU A 201 -16.36 1.34 -10.90
C LEU A 201 -16.54 1.92 -9.54
N PRO A 202 -15.79 3.01 -9.25
CA PRO A 202 -15.94 3.64 -7.97
C PRO A 202 -17.34 4.24 -7.79
N GLU A 203 -17.66 4.51 -6.52
CA GLU A 203 -18.81 5.32 -6.15
C GLU A 203 -18.43 6.78 -6.26
N TYR A 204 -18.63 7.27 -7.49
CA TYR A 204 -18.08 8.55 -7.94
C TYR A 204 -18.76 8.92 -9.26
N THR A 205 -19.17 10.18 -9.42
CA THR A 205 -19.71 10.58 -10.73
C THR A 205 -18.76 11.52 -11.52
N SER A 206 -18.77 11.40 -12.85
CA SER A 206 -18.12 12.27 -13.82
C SER A 206 -18.81 12.15 -15.14
N ASN A 207 -19.12 13.27 -15.80
CA ASN A 207 -19.67 13.17 -17.15
C ASN A 207 -18.54 12.87 -18.16
N HIS A 208 -17.28 12.90 -17.69
CA HIS A 208 -16.18 12.54 -18.54
C HIS A 208 -14.90 12.45 -17.75
N THR A 209 -14.45 11.22 -17.59
CA THR A 209 -13.25 10.87 -16.84
C THR A 209 -12.59 9.74 -17.58
N LEU A 210 -11.50 9.24 -16.99
CA LEU A 210 -10.66 8.22 -17.60
C LEU A 210 -10.49 6.96 -16.80
N ILE A 211 -10.47 5.81 -17.50
CA ILE A 211 -9.94 4.61 -16.93
C ILE A 211 -8.55 4.44 -17.52
N SER A 212 -7.48 4.40 -16.69
CA SER A 212 -6.11 4.20 -17.22
C SER A 212 -5.63 2.76 -17.02
N PHE A 213 -5.21 2.13 -18.06
CA PHE A 213 -4.73 0.72 -18.00
C PHE A 213 -3.21 0.78 -17.93
N LYS A 214 -2.66 -0.07 -17.09
CA LYS A 214 -1.18 -0.15 -16.95
C LYS A 214 -0.77 -1.59 -16.90
N TRP A 215 0.09 -1.99 -17.80
CA TRP A 215 0.66 -3.30 -17.80
C TRP A 215 2.15 -3.25 -17.59
N ASN A 216 2.56 -3.89 -16.51
CA ASN A 216 3.94 -3.94 -16.15
C ASN A 216 4.53 -5.29 -16.58
N SER A 217 5.49 -5.26 -17.52
CA SER A 217 6.12 -6.46 -18.07
C SER A 217 6.93 -7.21 -17.05
N PHE A 218 6.83 -8.54 -17.06
CA PHE A 218 7.73 -9.36 -16.30
C PHE A 218 9.01 -9.60 -17.08
N GLN A 219 8.88 -9.99 -18.35
CA GLN A 219 10.06 -10.40 -19.12
C GLN A 219 11.05 -9.26 -19.49
N THR A 220 10.53 -8.03 -19.58
CA THR A 220 11.25 -6.96 -20.14
C THR A 220 10.99 -5.79 -19.23
N GLY A 221 11.87 -4.83 -19.28
CA GLY A 221 11.71 -3.59 -18.51
C GLY A 221 10.89 -2.59 -19.30
N GLN A 222 9.58 -2.81 -19.29
CA GLN A 222 8.68 -2.12 -20.18
C GLN A 222 7.35 -2.02 -19.46
N ILE A 223 6.71 -0.86 -19.59
CA ILE A 223 5.34 -0.66 -19.15
C ILE A 223 4.46 -0.25 -20.31
N TYR A 224 3.22 -0.70 -20.35
CA TYR A 224 2.28 -0.35 -21.46
C TYR A 224 1.07 0.33 -20.85
N LEU A 225 0.84 1.57 -21.24
CA LEU A 225 -0.23 2.39 -20.73
C LEU A 225 -1.18 2.76 -21.85
N SER A 226 -2.45 2.73 -21.51
CA SER A 226 -3.55 3.19 -22.41
C SER A 226 -4.60 3.87 -21.50
N CYS A 227 -5.52 4.67 -22.07
CA CYS A 227 -6.67 5.10 -21.31
C CYS A 227 -7.89 5.11 -22.18
N ALA A 228 -8.99 5.00 -21.51
CA ALA A 228 -10.33 5.07 -22.14
C ALA A 228 -11.20 6.17 -21.47
N ASP A 229 -11.86 6.96 -22.31
CA ASP A 229 -12.76 8.03 -21.87
C ASP A 229 -14.14 7.44 -21.54
N ILE A 230 -14.56 7.64 -20.29
CA ILE A 230 -15.83 7.16 -19.79
C ILE A 230 -16.62 8.19 -19.04
N ALA A 231 -17.90 7.90 -18.86
CA ALA A 231 -18.73 8.63 -17.98
C ALA A 231 -19.27 7.66 -16.95
N ILE A 232 -19.46 8.18 -15.77
CA ILE A 232 -20.04 7.46 -14.62
C ILE A 232 -21.11 8.39 -14.05
N GLN A 233 -22.35 8.07 -14.41
CA GLN A 233 -23.45 8.98 -14.08
C GLN A 233 -24.60 8.19 -13.59
N HIC B 1 5.42 4.37 29.92
CA HIC B 1 4.02 3.86 29.81
C HIC B 1 3.47 4.51 28.59
O HIC B 1 3.37 5.75 28.48
CB HIC B 1 3.23 4.15 31.09
CG HIC B 1 3.55 3.12 32.17
ND1 HIC B 1 4.78 2.81 32.57
CD2 HIC B 1 2.66 2.36 32.97
CE1 HIC B 1 4.72 1.92 33.59
NE2 HIC B 1 3.42 1.61 33.79
CZ HIC B 1 3.00 0.67 34.84
N GLY B 2 3.14 3.71 27.62
CA GLY B 2 2.40 4.16 26.48
C GLY B 2 1.90 3.00 25.62
N TYR B 3 1.09 3.32 24.60
CA TYR B 3 0.51 2.35 23.69
C TYR B 3 0.10 3.02 22.33
N MET B 4 -0.04 2.19 21.32
CA MET B 4 -0.41 2.66 19.98
C MET B 4 -1.90 3.05 19.97
N TYR B 5 -2.16 4.19 19.31
CA TYR B 5 -3.48 4.85 19.34
C TYR B 5 -4.17 4.90 17.98
N ILE B 6 -3.41 5.18 16.93
CA ILE B 6 -3.99 5.32 15.58
C ILE B 6 -3.09 4.62 14.59
N PRO B 7 -3.68 3.74 13.69
CA PRO B 7 -5.01 3.21 13.88
C PRO B 7 -5.21 2.56 15.22
N SER B 8 -6.47 2.38 15.58
CA SER B 8 -6.84 1.89 16.89
C SER B 8 -6.24 0.51 17.10
N SER B 9 -5.37 0.39 18.12
CA SER B 9 -4.72 -0.88 18.43
C SER B 9 -5.64 -1.84 19.24
N ARG B 10 -5.26 -3.11 19.33
CA ARG B 10 -5.97 -4.01 20.20
C ARG B 10 -6.03 -3.42 21.64
N THR B 11 -4.96 -2.71 22.03
CA THR B 11 -4.84 -2.20 23.42
C THR B 11 -5.89 -1.14 23.64
N ARG B 12 -6.05 -0.27 22.64
CA ARG B 12 -7.02 0.82 22.70
C ARG B 12 -8.44 0.27 22.69
N LEU B 13 -8.67 -0.77 21.87
CA LEU B 13 -9.98 -1.38 21.81
C LEU B 13 -10.37 -2.10 23.11
N GLY B 14 -9.39 -2.67 23.80
CA GLY B 14 -9.58 -3.30 25.10
C GLY B 14 -10.05 -2.28 26.06
N HIS B 15 -9.47 -1.11 25.99
CA HIS B 15 -9.80 -0.01 26.82
C HIS B 15 -11.22 0.53 26.56
N GLU B 16 -11.58 0.65 25.28
N GLU B 16 -11.58 0.62 25.30
CA GLU B 16 -12.94 1.08 24.87
CA GLU B 16 -12.90 1.14 24.95
C GLU B 16 -14.04 0.10 25.34
C GLU B 16 -14.06 0.10 25.19
N ALA B 17 -13.73 -1.19 25.37
CA ALA B 17 -14.67 -2.17 25.83
C ALA B 17 -14.81 -2.13 27.36
N GLY B 18 -13.91 -1.45 28.06
CA GLY B 18 -14.05 -1.30 29.53
C GLY B 18 -13.57 -2.54 30.31
N ILE B 19 -12.67 -3.31 29.74
CA ILE B 19 -12.31 -4.54 30.36
C ILE B 19 -10.93 -4.43 30.92
N ASP B 20 -10.35 -3.23 30.87
CA ASP B 20 -9.04 -3.08 31.41
C ASP B 20 -9.04 -2.03 32.50
N SER B 21 -7.85 -1.66 32.97
CA SER B 21 -7.64 -0.51 33.92
C SER B 21 -6.54 0.41 33.42
N CYS B 22 -5.64 -0.07 32.53
CA CYS B 22 -4.45 0.68 32.28
C CYS B 22 -3.88 0.24 30.93
N PRO B 23 -4.43 0.77 29.83
CA PRO B 23 -3.90 0.35 28.49
C PRO B 23 -2.36 0.60 28.27
N GLU B 24 -1.88 1.71 28.86
CA GLU B 24 -0.46 2.10 28.81
C GLU B 24 0.45 1.22 29.68
N CYS B 25 -0.15 0.27 30.42
CA CYS B 25 0.57 -0.57 31.39
C CYS B 25 1.04 -1.87 30.75
N ALA B 26 0.94 -2.02 29.44
CA ALA B 26 1.43 -3.27 28.82
C ALA B 26 2.88 -3.21 28.46
N ILE B 27 3.72 -3.97 29.18
CA ILE B 27 5.19 -3.74 29.16
C ILE B 27 5.93 -5.05 29.02
N LEU B 28 6.91 -5.03 28.11
CA LEU B 28 8.03 -6.01 28.07
C LEU B 28 9.18 -5.54 28.99
N GLU B 29 9.35 -6.19 30.13
CA GLU B 29 10.34 -5.76 31.13
C GLU B 29 10.63 -6.84 32.17
N PRO B 30 11.76 -6.68 32.89
CA PRO B 30 12.90 -5.81 32.65
C PRO B 30 13.74 -6.44 31.56
N VAL B 31 14.08 -5.63 30.58
CA VAL B 31 14.92 -6.03 29.42
C VAL B 31 15.96 -4.95 29.13
N SER B 32 16.88 -5.28 28.23
CA SER B 32 17.80 -4.29 27.68
C SER B 32 17.15 -3.70 26.44
N SER B 33 16.65 -2.47 26.58
CA SER B 33 15.97 -1.72 25.52
C SER B 33 16.89 -0.81 24.72
N TRP B 34 18.06 -0.55 25.31
CA TRP B 34 18.98 0.43 24.82
C TRP B 34 20.44 -0.03 25.05
N PRO B 35 21.32 0.24 24.08
CA PRO B 35 21.13 0.90 22.81
C PRO B 35 20.84 -0.09 21.67
N ASP B 36 20.85 -1.39 21.95
CA ASP B 36 20.62 -2.33 20.84
C ASP B 36 19.12 -2.59 20.80
N LEU B 37 18.45 -2.03 19.79
CA LEU B 37 16.99 -1.95 19.85
C LEU B 37 16.23 -3.22 19.57
N ASP B 38 16.86 -4.19 18.92
CA ASP B 38 16.14 -5.40 18.62
C ASP B 38 16.64 -6.63 19.35
N ALA B 39 17.63 -6.50 20.25
CA ALA B 39 18.22 -7.67 20.91
C ALA B 39 17.25 -8.43 21.85
N ALA B 40 16.43 -7.73 22.59
CA ALA B 40 15.66 -8.33 23.72
C ALA B 40 14.56 -9.21 23.14
N PRO B 41 14.52 -10.52 23.51
CA PRO B 41 13.39 -11.35 23.07
C PRO B 41 12.08 -10.90 23.63
N VAL B 42 11.00 -11.16 22.89
CA VAL B 42 9.71 -10.52 23.25
C VAL B 42 8.93 -11.35 24.24
N GLY B 43 9.41 -12.57 24.52
CA GLY B 43 8.74 -13.34 25.56
C GLY B 43 7.23 -13.43 25.35
N ARG B 44 6.48 -13.33 26.44
CA ARG B 44 4.99 -13.39 26.42
C ARG B 44 4.40 -12.18 25.72
N SER B 45 5.19 -11.10 25.68
CA SER B 45 4.64 -9.84 25.18
C SER B 45 4.31 -9.97 23.72
N GLY B 46 5.12 -10.67 22.95
CA GLY B 46 4.75 -10.86 21.54
C GLY B 46 4.72 -9.51 20.81
N PRO B 47 4.23 -9.53 19.58
CA PRO B 47 4.13 -8.32 18.76
C PRO B 47 2.97 -7.40 19.14
N CYS B 48 1.98 -7.93 19.88
N CYS B 48 1.98 -7.90 19.88
CA CYS B 48 0.75 -7.21 20.25
CA CYS B 48 0.82 -7.09 20.24
C CYS B 48 0.73 -6.75 21.72
C CYS B 48 0.69 -6.79 21.73
N GLY B 49 1.61 -7.29 22.55
CA GLY B 49 1.73 -6.89 23.93
C GLY B 49 0.91 -7.78 24.82
N TYR B 50 1.41 -7.89 26.05
CA TYR B 50 0.63 -8.55 27.13
C TYR B 50 0.53 -7.51 28.27
N ASN B 51 -0.69 -7.38 28.81
CA ASN B 51 -0.93 -6.40 29.87
C ASN B 51 -0.94 -7.12 31.21
N ALA B 52 0.23 -7.10 31.85
CA ALA B 52 0.42 -7.91 33.05
C ALA B 52 -0.33 -7.25 34.21
N ARG B 53 -0.70 -6.00 34.05
CA ARG B 53 -1.45 -5.29 35.08
CA ARG B 53 -1.46 -5.32 35.09
C ARG B 53 -2.82 -5.94 35.16
N ASP B 54 -3.43 -6.12 33.98
CA ASP B 54 -4.82 -6.56 33.83
C ASP B 54 -4.94 -8.01 33.36
N SER B 55 -3.81 -8.72 33.20
CA SER B 55 -3.75 -10.08 32.72
C SER B 55 -4.42 -10.31 31.34
N ILE B 56 -4.08 -9.50 30.33
CA ILE B 56 -4.71 -9.61 29.00
C ILE B 56 -3.61 -9.84 27.96
N ASP B 57 -3.71 -10.89 27.17
CA ASP B 57 -2.79 -11.09 26.16
C ASP B 57 -3.41 -10.61 24.84
N TYR B 58 -2.91 -9.47 24.36
CA TYR B 58 -3.46 -8.89 23.14
C TYR B 58 -3.13 -9.69 21.89
N ASN B 59 -2.20 -10.62 21.96
CA ASN B 59 -1.88 -11.48 20.80
C ASN B 59 -3.00 -12.42 20.39
N GLN B 60 -3.87 -12.75 21.33
CA GLN B 60 -5.09 -13.52 21.03
C GLN B 60 -6.34 -12.63 20.82
N PRO B 61 -7.01 -12.72 19.68
CA PRO B 61 -8.21 -11.89 19.53
C PRO B 61 -9.31 -12.20 20.50
N THR B 62 -10.18 -11.23 20.67
CA THR B 62 -11.52 -11.46 21.24
C THR B 62 -12.59 -10.85 20.30
N THR B 63 -13.84 -10.87 20.69
CA THR B 63 -14.84 -10.11 19.94
C THR B 63 -14.52 -8.62 19.94
N ASN B 64 -13.79 -8.14 20.95
CA ASN B 64 -13.44 -6.74 21.11
C ASN B 64 -12.27 -6.28 20.28
N TRP B 65 -11.39 -7.21 19.90
CA TRP B 65 -10.22 -6.87 19.09
C TRP B 65 -9.71 -8.05 18.31
N GLY B 66 -8.98 -7.81 17.21
CA GLY B 66 -8.27 -8.86 16.55
C GLY B 66 -9.10 -9.71 15.61
N SER B 67 -10.42 -9.55 15.59
CA SER B 67 -11.21 -10.50 14.77
C SER B 67 -11.57 -9.86 13.41
N ASP B 68 -11.37 -8.55 13.32
CA ASP B 68 -11.65 -7.75 12.15
C ASP B 68 -10.49 -6.79 11.91
N ALA B 69 -10.30 -6.36 10.68
CA ALA B 69 -9.49 -5.19 10.43
C ALA B 69 -10.24 -3.97 10.98
N VAL B 70 -9.53 -3.04 11.65
CA VAL B 70 -10.13 -1.77 12.16
C VAL B 70 -10.14 -0.65 11.09
N GLN B 71 -9.36 -0.85 10.04
CA GLN B 71 -9.22 0.16 9.02
C GLN B 71 -8.63 -0.54 7.78
N SER B 72 -9.10 -0.14 6.62
CA SER B 72 -8.62 -0.68 5.35
C SER B 72 -7.95 0.48 4.60
N TYR B 73 -6.83 0.15 3.99
CA TYR B 73 -5.90 1.07 3.35
C TYR B 73 -5.45 0.42 2.04
N SER B 74 -4.73 1.17 1.19
CA SER B 74 -4.22 0.64 -0.09
C SER B 74 -2.72 0.32 0.00
N PRO B 75 -2.22 -0.63 -0.80
CA PRO B 75 -0.76 -0.83 -0.93
C PRO B 75 0.00 0.47 -1.18
N GLY B 76 1.05 0.68 -0.43
CA GLY B 76 1.86 1.80 -0.64
C GLY B 76 1.30 3.11 -0.09
N GLU B 77 0.18 3.09 0.62
CA GLU B 77 -0.48 4.31 1.06
C GLU B 77 0.32 4.83 2.25
N GLU B 78 0.59 6.14 2.23
CA GLU B 78 1.15 6.82 3.36
C GLU B 78 0.03 7.12 4.40
N ILE B 79 0.24 6.66 5.61
CA ILE B 79 -0.78 6.75 6.61
C ILE B 79 -0.24 7.42 7.89
N GLU B 80 -1.15 7.96 8.68
CA GLU B 80 -0.81 8.44 9.99
C GLU B 80 -0.78 7.32 10.91
N VAL B 81 0.27 7.29 11.71
CA VAL B 81 0.30 6.43 12.86
C VAL B 81 0.63 7.23 14.14
N GLN B 82 -0.02 6.89 15.24
CA GLN B 82 0.12 7.72 16.45
C GLN B 82 0.11 6.77 17.67
N TRP B 83 0.93 7.11 18.66
CA TRP B 83 0.90 6.42 19.95
C TRP B 83 0.70 7.42 21.04
N CYS B 84 0.40 6.93 22.21
N CYS B 84 0.32 6.96 22.22
CA CYS B 84 0.06 7.75 23.32
CA CYS B 84 0.15 7.86 23.36
C CYS B 84 1.10 7.58 24.47
C CYS B 84 1.19 7.59 24.42
N VAL B 85 1.74 8.67 24.95
CA VAL B 85 2.65 8.57 26.10
C VAL B 85 2.01 9.21 27.31
N ASP B 86 2.15 8.52 28.43
CA ASP B 86 1.59 8.96 29.70
C ASP B 86 2.45 10.06 30.25
N HIS B 87 1.78 11.05 30.81
CA HIS B 87 2.48 12.19 31.40
C HIS B 87 3.54 11.82 32.41
N ASN B 88 3.31 10.81 33.24
CA ASN B 88 4.31 10.44 34.23
C ASN B 88 5.25 9.33 33.75
N GLY B 89 5.10 8.92 32.49
CA GLY B 89 5.82 7.74 31.91
C GLY B 89 6.59 8.06 30.62
N ASP B 90 7.13 9.27 30.56
CA ASP B 90 7.83 9.72 29.32
C ASP B 90 9.33 9.39 29.38
N HIS B 91 9.65 8.18 28.90
CA HIS B 91 10.99 7.62 29.07
C HIS B 91 11.98 8.00 27.96
N GLY B 92 11.55 8.74 26.94
CA GLY B 92 12.34 9.09 25.78
C GLY B 92 12.56 7.78 25.04
N GLY B 93 13.49 7.77 24.08
CA GLY B 93 13.82 6.47 23.41
C GLY B 93 13.44 6.57 21.95
N MET B 94 13.26 5.42 21.31
CA MET B 94 12.95 5.32 19.91
C MET B 94 11.80 4.32 19.66
N PHE B 95 11.09 4.50 18.58
CA PHE B 95 9.93 3.71 18.31
C PHE B 95 9.79 3.46 16.81
N THR B 96 9.04 2.41 16.50
CA THR B 96 8.85 1.96 15.17
C THR B 96 7.52 1.20 14.96
N TYR B 97 7.14 1.05 13.69
CA TYR B 97 5.96 0.29 13.26
C TYR B 97 6.42 -0.69 12.19
N ARG B 98 5.81 -1.88 12.18
CA ARG B 98 6.25 -3.04 11.42
C ARG B 98 5.03 -3.76 10.89
N ILE B 99 5.14 -4.28 9.67
CA ILE B 99 4.18 -5.22 9.12
C ILE B 99 4.89 -6.46 8.64
N CYS B 100 4.45 -7.57 9.18
CA CYS B 100 5.02 -8.91 8.83
C CYS B 100 4.39 -9.34 7.51
N GLN B 101 5.21 -9.53 6.47
CA GLN B 101 4.73 -9.82 5.15
C GLN B 101 4.74 -11.34 4.95
N ASP B 102 4.38 -12.07 6.00
CA ASP B 102 4.19 -13.54 5.92
C ASP B 102 2.86 -13.85 6.53
N GLN B 103 1.85 -13.99 5.70
CA GLN B 103 0.50 -14.11 6.21
C GLN B 103 0.30 -15.36 7.04
N SER B 104 0.96 -16.47 6.69
CA SER B 104 0.92 -17.67 7.50
C SER B 104 1.41 -17.43 8.93
N ILE B 105 2.33 -16.48 9.15
CA ILE B 105 2.77 -16.22 10.49
C ILE B 105 1.69 -15.39 11.19
N VAL B 106 1.20 -14.38 10.49
CA VAL B 106 0.23 -13.43 11.04
C VAL B 106 -1.06 -14.08 11.42
N ASP B 107 -1.43 -15.10 10.64
CA ASP B 107 -2.73 -15.77 10.82
C ASP B 107 -2.82 -16.41 12.24
N LYS B 108 -1.69 -16.70 12.84
CA LYS B 108 -1.68 -17.28 14.18
C LYS B 108 -2.17 -16.35 15.25
N PHE B 109 -2.28 -15.08 14.87
CA PHE B 109 -2.67 -14.02 15.71
C PHE B 109 -4.06 -13.48 15.42
N LEU B 110 -4.79 -14.14 14.53
CA LEU B 110 -6.07 -13.63 14.05
C LEU B 110 -7.22 -14.58 14.42
N ASP B 111 -6.97 -15.56 15.30
CA ASP B 111 -7.95 -16.61 15.62
C ASP B 111 -8.36 -16.48 17.04
N PRO B 112 -9.62 -16.13 17.29
CA PRO B 112 -9.97 -15.95 18.72
C PRO B 112 -9.95 -17.21 19.54
N SER B 113 -9.92 -18.37 18.91
CA SER B 113 -9.89 -19.64 19.69
CA SER B 113 -9.88 -19.66 19.62
C SER B 113 -8.47 -20.14 19.87
N TYR B 114 -7.47 -19.41 19.37
CA TYR B 114 -6.05 -19.81 19.42
C TYR B 114 -5.13 -18.79 20.09
N LEU B 115 -4.34 -19.27 21.06
CA LEU B 115 -3.28 -18.48 21.69
C LEU B 115 -1.91 -18.79 21.06
N PRO B 116 -1.29 -17.78 20.43
CA PRO B 116 0.06 -18.03 19.86
C PRO B 116 1.07 -18.42 20.94
N THR B 117 1.89 -19.42 20.64
CA THR B 117 2.91 -19.83 21.59
C THR B 117 4.04 -18.78 21.75
N ASN B 118 4.88 -18.97 22.75
CA ASN B 118 6.05 -18.15 22.86
C ASN B 118 6.91 -18.20 21.61
N ASP B 119 7.12 -19.40 21.05
CA ASP B 119 7.91 -19.56 19.84
C ASP B 119 7.28 -18.84 18.65
N GLU B 120 5.96 -18.91 18.51
CA GLU B 120 5.26 -18.23 17.46
C GLU B 120 5.34 -16.67 17.63
N LYS B 121 5.39 -16.24 18.86
CA LYS B 121 5.47 -14.82 19.13
C LYS B 121 6.83 -14.27 18.75
N GLN B 122 7.89 -15.01 19.07
CA GLN B 122 9.21 -14.57 18.68
C GLN B 122 9.39 -14.69 17.17
N ALA B 123 8.82 -15.71 16.56
CA ALA B 123 8.99 -15.86 15.11
C ALA B 123 8.23 -14.75 14.42
N ALA B 124 7.09 -14.36 14.99
CA ALA B 124 6.37 -13.21 14.45
C ALA B 124 7.19 -11.94 14.61
N GLU B 125 7.76 -11.73 15.80
CA GLU B 125 8.65 -10.58 15.97
C GLU B 125 9.75 -10.46 14.89
N ASP B 126 10.36 -11.60 14.52
CA ASP B 126 11.52 -11.58 13.60
C ASP B 126 10.97 -11.23 12.24
N CYS B 127 9.73 -11.67 11.97
CA CYS B 127 9.05 -11.34 10.66
C CYS B 127 8.73 -9.85 10.64
N PHE B 128 8.15 -9.36 11.74
CA PHE B 128 7.94 -7.91 11.89
C PHE B 128 9.23 -7.07 11.73
N ASP B 129 10.35 -7.51 12.31
CA ASP B 129 11.58 -6.79 12.12
C ASP B 129 12.07 -6.75 10.69
N ALA B 130 11.87 -7.84 9.92
CA ALA B 130 12.11 -7.82 8.49
C ALA B 130 11.16 -6.91 7.70
N GLY B 131 10.00 -6.59 8.29
CA GLY B 131 8.95 -5.74 7.67
C GLY B 131 8.80 -4.40 8.34
N LEU B 132 9.86 -3.90 8.95
CA LEU B 132 9.84 -2.56 9.55
C LEU B 132 9.49 -1.51 8.52
N LEU B 133 8.66 -0.54 8.92
CA LEU B 133 8.26 0.52 8.00
C LEU B 133 9.14 1.78 8.26
N PRO B 134 10.17 2.02 7.38
CA PRO B 134 11.18 2.98 7.76
C PRO B 134 10.67 4.43 7.72
N CYS B 135 11.10 5.22 8.67
CA CYS B 135 10.77 6.64 8.67
C CYS B 135 11.05 7.23 7.26
N THR B 136 12.18 6.81 6.71
CA THR B 136 12.72 7.40 5.50
C THR B 136 11.95 7.02 4.24
N ASP B 137 11.01 6.10 4.35
CA ASP B 137 10.16 5.77 3.19
C ASP B 137 9.09 6.78 2.83
N VAL B 138 8.94 7.81 3.66
CA VAL B 138 7.90 8.79 3.49
C VAL B 138 8.64 10.02 3.03
N SER B 139 8.34 10.42 1.80
CA SER B 139 9.01 11.56 1.21
C SER B 139 8.59 12.81 1.98
N GLY B 140 9.56 13.63 2.30
CA GLY B 140 9.33 14.84 3.03
C GLY B 140 9.40 14.65 4.53
N GLN B 141 9.46 13.42 5.01
CA GLN B 141 9.41 13.21 6.46
C GLN B 141 10.81 13.35 6.99
N GLU B 142 10.98 14.14 8.04
CA GLU B 142 12.30 14.30 8.58
C GLU B 142 12.60 13.11 9.49
N CYS B 143 13.74 12.47 9.27
CA CYS B 143 14.09 11.28 10.03
C CYS B 143 15.44 11.48 10.68
N GLY B 144 15.38 12.02 11.87
CA GLY B 144 16.61 12.29 12.57
C GLY B 144 17.12 11.12 13.37
N TYR B 145 18.33 11.30 13.85
CA TYR B 145 18.97 10.38 14.74
C TYR B 145 18.79 10.83 16.14
N SER B 146 18.86 9.90 17.06
CA SER B 146 18.60 10.23 18.49
C SER B 146 19.62 11.10 19.17
N ALA B 147 19.18 12.13 19.89
CA ALA B 147 20.11 12.92 20.68
C ALA B 147 20.69 12.12 21.84
N ASP B 148 20.09 10.97 22.18
CA ASP B 148 20.62 10.13 23.24
C ASP B 148 21.48 9.01 22.72
N CYS B 149 21.88 9.11 21.45
CA CYS B 149 22.70 8.11 20.77
C CYS B 149 23.90 8.82 20.14
N THR B 150 24.95 8.11 19.79
CA THR B 150 26.06 8.68 18.99
C THR B 150 26.41 7.72 17.85
N GLU B 151 26.94 8.24 16.73
CA GLU B 151 27.25 7.38 15.62
C GLU B 151 28.26 6.34 16.03
N GLY B 152 28.01 5.11 15.54
CA GLY B 152 28.71 3.96 15.97
C GLY B 152 27.95 3.09 16.97
N GLU B 153 26.90 3.61 17.60
N GLU B 153 26.91 3.61 17.60
CA GLU B 153 26.10 2.74 18.47
CA GLU B 153 26.13 2.77 18.53
C GLU B 153 24.99 2.08 17.70
C GLU B 153 24.94 2.15 17.78
N ALA B 154 24.40 1.03 18.29
CA ALA B 154 23.32 0.27 17.62
C ALA B 154 22.02 1.05 17.57
N CYS B 155 21.95 2.18 18.26
CA CYS B 155 20.78 3.04 18.15
C CYS B 155 20.85 4.10 17.08
N TRP B 156 21.99 4.28 16.46
CA TRP B 156 22.14 5.17 15.32
C TRP B 156 21.47 4.66 14.06
N ARG B 157 20.17 4.80 14.02
CA ARG B 157 19.44 4.29 12.89
C ARG B 157 18.20 5.10 12.70
N ASN B 158 17.89 5.49 11.46
CA ASN B 158 16.70 6.35 11.19
C ASN B 158 15.61 5.68 10.37
N ASP B 159 15.63 4.32 10.29
CA ASP B 159 14.47 3.56 9.93
C ASP B 159 13.45 3.67 11.09
N TRP B 160 13.90 3.47 12.35
CA TRP B 160 13.14 3.78 13.58
C TRP B 160 12.97 5.31 13.64
N PHE B 161 11.95 5.71 14.38
CA PHE B 161 11.77 7.13 14.77
C PHE B 161 12.41 7.35 16.08
N THR B 162 12.67 8.60 16.44
CA THR B 162 13.24 8.86 17.72
C THR B 162 12.44 9.95 18.44
N CYS B 163 12.27 9.75 19.72
CA CYS B 163 11.74 10.75 20.57
C CYS B 163 12.84 11.81 20.73
N ASN B 164 12.43 12.96 21.26
CA ASN B 164 13.49 13.98 21.50
C ASN B 164 14.38 13.61 22.65
N GLY B 165 15.51 14.33 22.79
CA GLY B 165 16.51 14.06 23.74
C GLY B 165 15.93 14.00 25.16
N PHE B 166 16.28 13.00 25.95
CA PHE B 166 15.74 12.82 27.28
C PHE B 166 16.09 14.01 28.18
N GLU B 167 17.23 14.64 27.92
CA GLU B 167 17.62 15.81 28.72
C GLU B 167 17.73 17.05 27.86
N ALA B 168 17.01 17.10 26.72
CA ALA B 168 16.94 18.31 25.89
C ALA B 168 16.30 19.44 26.70
N SER B 169 16.80 20.64 26.49
CA SER B 169 16.26 21.77 27.22
C SER B 169 15.08 22.40 26.49
N ASP B 170 14.90 22.04 25.21
N ASP B 170 14.87 22.06 25.22
CA ASP B 170 13.75 22.42 24.43
CA ASP B 170 13.70 22.51 24.47
C ASP B 170 12.99 21.12 24.11
C ASP B 170 12.92 21.30 23.91
N ARG B 171 11.69 21.12 24.39
CA ARG B 171 10.79 19.98 24.03
C ARG B 171 11.39 18.57 24.21
N PRO B 172 11.76 18.21 25.46
CA PRO B 172 12.49 16.98 25.64
C PRO B 172 11.59 15.77 25.51
N LYS B 173 12.23 14.62 25.33
CA LYS B 173 11.62 13.33 25.47
C LYS B 173 10.55 13.02 24.39
N CYS B 174 9.70 12.03 24.65
CA CYS B 174 8.66 11.72 23.64
C CYS B 174 7.60 12.76 23.45
N GLN B 175 7.17 13.34 24.53
CA GLN B 175 6.10 14.38 24.42
C GLN B 175 6.53 15.58 23.56
N GLY B 176 7.83 15.90 23.51
CA GLY B 176 8.32 16.98 22.70
C GLY B 176 8.14 16.83 21.21
N VAL B 177 7.96 15.60 20.72
CA VAL B 177 7.83 15.36 19.31
C VAL B 177 6.63 16.03 18.68
N ASP B 178 5.41 15.81 19.21
CA ASP B 178 4.20 16.52 18.77
C ASP B 178 4.06 17.86 19.58
N ASN B 179 4.58 17.88 20.81
CA ASN B 179 4.39 19.01 21.70
C ASN B 179 2.89 19.31 21.78
N ALA B 180 2.08 18.26 21.87
CA ALA B 180 0.63 18.39 22.00
C ALA B 180 0.23 18.70 23.45
N GLU B 181 -1.04 18.98 23.62
CA GLU B 181 -1.59 19.15 24.96
C GLU B 181 -1.88 17.83 25.68
N LEU B 182 -1.96 17.93 27.00
CA LEU B 182 -2.33 16.83 27.84
C LEU B 182 -3.76 16.38 27.60
N ASN B 183 -3.92 15.06 27.56
CA ASN B 183 -5.18 14.38 27.27
C ASN B 183 -5.57 14.53 25.80
N SER B 184 -4.60 14.73 24.92
CA SER B 184 -4.78 14.63 23.48
C SER B 184 -4.97 13.13 23.12
N CYS B 185 -4.60 12.26 24.05
N CYS B 185 -4.57 12.27 24.06
CA CYS B 185 -4.98 10.85 23.95
CA CYS B 185 -4.71 10.82 24.01
C CYS B 185 -5.10 10.29 25.35
C CYS B 185 -5.28 10.38 25.35
N TYR B 186 -5.76 9.14 25.47
CA TYR B 186 -6.09 8.61 26.81
C TYR B 186 -4.94 7.79 27.41
N THR B 187 -4.54 8.13 28.62
CA THR B 187 -3.84 7.21 29.46
C THR B 187 -4.53 7.32 30.82
N SER B 188 -4.52 6.21 31.52
CA SER B 188 -5.14 6.06 32.83
C SER B 188 -4.37 6.74 33.98
N ILE B 189 -3.06 6.80 33.94
CA ILE B 189 -2.27 7.18 35.12
C ILE B 189 -2.28 8.71 35.36
N ALA B 190 -1.87 9.49 34.36
CA ALA B 190 -1.79 10.93 34.48
C ALA B 190 -2.22 11.67 33.21
N GLY B 191 -2.88 10.99 32.26
CA GLY B 191 -3.32 11.58 31.03
C GLY B 191 -2.23 11.46 29.97
N GLY B 192 -2.65 11.43 28.71
CA GLY B 192 -1.73 11.15 27.62
C GLY B 192 -1.40 12.28 26.67
N TYR B 193 -0.29 12.08 25.98
CA TYR B 193 0.14 12.95 24.91
C TYR B 193 0.31 12.15 23.64
N THR B 194 -0.06 12.73 22.53
CA THR B 194 0.08 12.05 21.26
C THR B 194 1.52 12.13 20.81
N VAL B 195 1.90 11.11 20.03
CA VAL B 195 3.19 11.09 19.35
C VAL B 195 2.93 10.64 17.97
N THR B 196 3.15 11.50 16.96
CA THR B 196 2.55 11.28 15.63
C THR B 196 3.53 11.29 14.52
N LYS B 197 3.42 10.28 13.63
CA LYS B 197 4.27 10.18 12.45
C LYS B 197 3.48 9.61 11.28
N LYS B 198 4.17 9.53 10.13
CA LYS B 198 3.67 8.85 8.97
C LYS B 198 4.50 7.63 8.69
N VAL B 199 3.86 6.61 8.17
CA VAL B 199 4.56 5.50 7.51
C VAL B 199 4.00 5.19 6.17
N LYS B 200 4.78 4.55 5.30
CA LYS B 200 4.27 4.13 3.98
C LYS B 200 4.03 2.64 4.05
N LEU B 201 2.76 2.23 3.89
CA LEU B 201 2.44 0.78 3.88
C LEU B 201 3.18 0.11 2.77
N PRO B 202 3.56 -1.18 2.97
CA PRO B 202 4.24 -1.98 1.99
C PRO B 202 3.34 -2.17 0.77
N GLU B 203 3.99 -2.49 -0.32
CA GLU B 203 3.29 -2.90 -1.56
C GLU B 203 3.02 -4.38 -1.44
N TYR B 204 1.91 -4.64 -0.77
CA TYR B 204 1.58 -5.95 -0.28
C TYR B 204 0.10 -5.96 -0.02
N THR B 205 -0.62 -7.04 -0.34
CA THR B 205 -2.07 -7.08 0.04
C THR B 205 -2.34 -8.12 1.13
N SER B 206 -3.30 -7.81 1.99
CA SER B 206 -3.88 -8.74 2.94
C SER B 206 -5.28 -8.26 3.31
N ASN B 207 -6.29 -9.13 3.36
CA ASN B 207 -7.55 -8.64 3.90
C ASN B 207 -7.57 -8.53 5.43
N HIS B 208 -6.49 -8.94 6.09
CA HIS B 208 -6.42 -8.81 7.55
C HIS B 208 -5.00 -9.13 7.95
N THR B 209 -4.27 -8.09 8.35
CA THR B 209 -2.88 -8.23 8.82
C THR B 209 -2.69 -7.24 9.97
N LEU B 210 -1.45 -7.12 10.46
CA LEU B 210 -1.16 -6.38 11.65
C LEU B 210 -0.12 -5.34 11.42
N ILE B 211 -0.33 -4.17 12.03
CA ILE B 211 0.77 -3.30 12.17
C ILE B 211 1.21 -3.45 13.65
N SER B 212 2.47 -3.77 13.91
CA SER B 212 3.01 -3.85 15.28
C SER B 212 3.86 -2.61 15.67
N PHE B 213 3.46 -1.91 16.73
CA PHE B 213 4.19 -0.72 17.29
C PHE B 213 5.17 -1.20 18.35
N LYS B 214 6.38 -0.66 18.36
N LYS B 214 6.40 -0.66 18.32
CA LYS B 214 7.35 -1.09 19.36
CA LYS B 214 7.44 -1.02 19.28
C LYS B 214 8.14 0.11 19.82
C LYS B 214 8.09 0.22 19.80
N TRP B 215 8.07 0.42 21.11
CA TRP B 215 8.75 1.52 21.70
C TRP B 215 9.80 1.01 22.66
N ASN B 216 11.04 1.35 22.35
CA ASN B 216 12.16 0.96 23.20
C ASN B 216 12.55 2.16 24.10
N SER B 217 12.46 2.00 25.42
CA SER B 217 12.65 3.07 26.38
C SER B 217 14.15 3.41 26.48
N PHE B 218 14.47 4.72 26.60
CA PHE B 218 15.82 5.12 26.89
C PHE B 218 16.04 5.08 28.41
N GLN B 219 15.12 5.72 29.15
CA GLN B 219 15.38 5.93 30.58
C GLN B 219 15.40 4.62 31.38
N THR B 220 14.59 3.64 30.92
CA THR B 220 14.25 2.50 31.71
C THR B 220 14.47 1.31 30.76
N GLY B 221 14.69 0.16 31.36
CA GLY B 221 14.88 -1.11 30.62
C GLY B 221 13.52 -1.74 30.33
N GLN B 222 12.86 -1.16 29.33
CA GLN B 222 11.48 -1.45 29.07
C GLN B 222 11.19 -1.27 27.61
N ILE B 223 10.32 -2.15 27.11
CA ILE B 223 9.75 -2.07 25.76
C ILE B 223 8.27 -2.08 25.80
N TYR B 224 7.61 -1.26 24.97
CA TYR B 224 6.14 -1.18 24.93
C TYR B 224 5.68 -1.58 23.53
N LEU B 225 4.94 -2.64 23.48
CA LEU B 225 4.41 -3.19 22.24
C LEU B 225 2.90 -3.16 22.18
N SER B 226 2.37 -2.84 21.01
CA SER B 226 0.94 -2.97 20.67
C SER B 226 0.84 -3.41 19.21
N CYS B 227 -0.37 -3.73 18.76
N CYS B 227 -0.32 -3.96 18.80
CA CYS B 227 -0.56 -3.99 17.34
CA CYS B 227 -0.60 -4.23 17.36
C CYS B 227 -1.97 -3.57 16.99
C CYS B 227 -1.94 -3.58 17.01
N ALA B 228 -2.12 -3.21 15.75
CA ALA B 228 -3.44 -2.86 15.22
C ALA B 228 -3.79 -3.76 14.02
N ASP B 229 -5.05 -4.19 13.96
CA ASP B 229 -5.55 -5.02 12.84
C ASP B 229 -5.91 -4.11 11.64
N ILE B 230 -5.31 -4.34 10.46
CA ILE B 230 -5.60 -3.54 9.26
C ILE B 230 -5.79 -4.43 8.06
N ALA B 231 -6.37 -3.84 7.01
CA ALA B 231 -6.43 -4.47 5.71
C ALA B 231 -5.67 -3.53 4.77
N ILE B 232 -5.01 -4.14 3.83
CA ILE B 232 -4.31 -3.46 2.75
C ILE B 232 -4.81 -4.08 1.46
N GLN B 233 -5.68 -3.38 0.78
CA GLN B 233 -6.30 -4.02 -0.35
C GLN B 233 -6.53 -3.07 -1.49
ZN ZN C . 6.35 -5.98 -26.38
ZN ZN D . 6.74 1.00 -5.48
ZN ZN E . -9.48 18.61 -7.93
ZN ZN F . -3.93 1.02 -37.05
ZN ZN G . 1.60 4.25 -10.88
ZN ZN H . 1.82 -19.12 -32.39
ZN ZN I . 6.46 3.74 31.80
ZN ZN J . 20.44 -5.89 17.65
ZN ZN K . 4.03 -17.82 4.92
ZN ZN L . -9.68 1.29 30.17
ZN ZN M . 12.39 -6.86 16.91
ZN ZN N . 3.04 18.25 33.81
#